data_4ABJ
#
_entry.id   4ABJ
#
_cell.length_a   61.800
_cell.length_b   63.400
_cell.length_c   69.300
_cell.angle_alpha   90.00
_cell.angle_beta   90.00
_cell.angle_gamma   90.00
#
_symmetry.space_group_name_H-M   'P 21 21 21'
#
loop_
_entity.id
_entity.type
_entity.pdbx_description
1 polymer 'CATIONIC TRYPSIN'
2 polymer 'TRYPSIN INHIBITOR 1'
3 non-polymer 'CALCIUM ION'
4 non-polymer DIMETHYLFORMAMIDE
5 non-polymer GLYCEROL
6 non-polymer 'SULFATE ION'
7 water water
#
loop_
_entity_poly.entity_id
_entity_poly.type
_entity_poly.pdbx_seq_one_letter_code
_entity_poly.pdbx_strand_id
1 'polypeptide(L)'
;IVGGYTCGANTVPYQVSLNSGYHFCGGSLINSQWVVSAAHCYKSGIQVRLGEDNINVVEGNEQFISASKSIVHPSYNSNT
LNNDIMLIKLKSAASLNSRVASISLPTSCASAGTQCLISGWGNTKSSGTSYPDVLKCLKAPILSDSSCKSAYPGQITSNM
FCAGYLEGGKDSCQGDSGGPVVCSGKLQGIVSWGSGCAQKNKPGVYTKVCNYVSWIKQTIASN
;
A
2 'polypeptide(L)' GRCTKS(PLW)PICFPD B
#
# COMPACT_ATOMS: atom_id res chain seq x y z
N ILE A 1 4.72 9.01 -4.51
CA ILE A 1 5.41 8.23 -5.59
C ILE A 1 6.44 9.15 -6.25
N VAL A 2 7.70 8.71 -6.27
CA VAL A 2 8.79 9.47 -6.91
C VAL A 2 9.07 8.82 -8.26
N GLY A 3 9.14 9.63 -9.31
CA GLY A 3 9.53 9.14 -10.63
C GLY A 3 8.44 8.39 -11.36
N GLY A 4 7.20 8.59 -10.90
CA GLY A 4 6.03 8.01 -11.52
C GLY A 4 5.34 8.93 -12.52
N TYR A 5 4.04 8.71 -12.72
CA TYR A 5 3.26 9.45 -13.69
C TYR A 5 1.83 9.61 -13.17
N THR A 6 1.13 10.63 -13.64
CA THR A 6 -0.27 10.83 -13.31
C THR A 6 -1.09 9.65 -13.83
N CYS A 7 -1.79 8.96 -12.92
CA CYS A 7 -2.52 7.75 -13.32
C CYS A 7 -3.62 8.05 -14.33
N GLY A 8 -4.34 9.15 -14.10
CA GLY A 8 -5.59 9.43 -14.79
C GLY A 8 -6.72 9.14 -13.83
N ALA A 9 -7.74 10.00 -13.85
CA ALA A 9 -8.83 9.90 -12.86
C ALA A 9 -9.50 8.54 -12.87
N ASN A 10 -9.54 7.92 -11.69
CA ASN A 10 -10.25 6.65 -11.48
C ASN A 10 -9.76 5.45 -12.29
N THR A 11 -8.53 5.55 -12.79
CA THR A 11 -7.89 4.43 -13.47
C THR A 11 -7.39 3.33 -12.54
N VAL A 12 -7.35 3.63 -11.23
CA VAL A 12 -6.96 2.68 -10.19
C VAL A 12 -8.11 2.63 -9.19
N PRO A 13 -9.21 1.96 -9.58
CA PRO A 13 -10.47 2.18 -8.87
C PRO A 13 -10.55 1.52 -7.49
N TYR A 14 -9.57 0.67 -7.16
CA TYR A 14 -9.43 0.07 -5.83
C TYR A 14 -8.60 0.91 -4.85
N GLN A 15 -7.94 1.96 -5.35
CA GLN A 15 -7.11 2.82 -4.49
C GLN A 15 -7.98 3.70 -3.61
N VAL A 16 -7.77 3.63 -2.31
CA VAL A 16 -8.44 4.56 -1.39
C VAL A 16 -7.44 5.46 -0.68
N SER A 17 -7.95 6.57 -0.18
CA SER A 17 -7.21 7.48 0.68
C SER A 17 -7.78 7.35 2.07
N LEU A 18 -6.89 7.20 3.04
CA LEU A 18 -7.30 7.25 4.45
C LEU A 18 -7.10 8.69 4.94
N ASN A 19 -8.16 9.24 5.51
CA ASN A 19 -8.22 10.66 5.82
C ASN A 19 -8.61 10.89 7.28
N SER A 20 -7.86 11.76 7.96
CA SER A 20 -8.16 12.16 9.35
C SER A 20 -8.11 13.68 9.40
N GLY A 21 -8.78 14.33 8.47
CA GLY A 21 -8.68 15.78 8.28
C GLY A 21 -7.53 16.16 7.35
N TYR A 22 -6.90 15.14 6.77
CA TYR A 22 -5.80 15.22 5.81
C TYR A 22 -5.53 13.78 5.36
N HIS A 23 -5.00 13.63 4.16
CA HIS A 23 -4.61 12.32 3.67
C HIS A 23 -3.39 11.86 4.45
N PHE A 24 -3.43 10.65 5.02
CA PHE A 24 -2.29 10.18 5.81
C PHE A 24 -1.71 8.85 5.39
N CYS A 25 -2.50 8.07 4.64
CA CYS A 25 -2.08 6.74 4.16
C CYS A 25 -3.00 6.32 3.03
N GLY A 26 -2.55 5.36 2.24
CA GLY A 26 -3.41 4.74 1.22
C GLY A 26 -4.00 3.44 1.73
N GLY A 27 -4.77 2.80 0.85
CA GLY A 27 -5.33 1.49 1.14
C GLY A 27 -5.90 0.94 -0.14
N SER A 28 -6.35 -0.30 -0.08
N SER A 28 -6.37 -0.30 -0.08
CA SER A 28 -6.90 -1.00 -1.23
CA SER A 28 -6.90 -0.98 -1.25
C SER A 28 -8.24 -1.61 -0.87
C SER A 28 -8.21 -1.68 -0.93
N LEU A 29 -9.25 -1.36 -1.71
CA LEU A 29 -10.56 -1.95 -1.53
C LEU A 29 -10.58 -3.39 -1.99
N ILE A 30 -10.96 -4.32 -1.10
CA ILE A 30 -10.96 -5.76 -1.46
C ILE A 30 -12.35 -6.37 -1.54
N ASN A 31 -13.34 -5.68 -0.99
CA ASN A 31 -14.74 -5.95 -1.28
C ASN A 31 -15.53 -4.71 -0.90
N SER A 32 -16.85 -4.75 -1.00
CA SER A 32 -17.63 -3.55 -0.79
C SER A 32 -17.55 -2.97 0.62
N GLN A 33 -17.08 -3.78 1.58
N GLN A 33 -17.13 -3.76 1.62
CA GLN A 33 -17.07 -3.38 2.99
CA GLN A 33 -17.07 -3.23 2.98
C GLN A 33 -15.71 -3.34 3.64
C GLN A 33 -15.72 -3.41 3.67
N TRP A 34 -14.67 -3.74 2.90
CA TRP A 34 -13.35 -3.97 3.50
C TRP A 34 -12.20 -3.42 2.71
N VAL A 35 -11.27 -2.81 3.45
CA VAL A 35 -10.05 -2.19 2.91
C VAL A 35 -8.81 -2.82 3.57
N VAL A 36 -7.77 -3.05 2.77
CA VAL A 36 -6.48 -3.54 3.26
C VAL A 36 -5.54 -2.34 3.30
N SER A 37 -4.86 -2.15 4.42
CA SER A 37 -3.85 -1.09 4.53
C SER A 37 -2.68 -1.60 5.38
N ALA A 38 -1.79 -0.71 5.80
CA ALA A 38 -0.65 -1.11 6.65
C ALA A 38 -1.00 -0.97 8.12
N ALA A 39 -0.50 -1.90 8.95
CA ALA A 39 -0.67 -1.80 10.40
C ALA A 39 -0.16 -0.50 10.97
N HIS A 40 0.95 0.02 10.43
CA HIS A 40 1.52 1.27 10.94
C HIS A 40 0.70 2.49 10.61
N CYS A 41 -0.31 2.33 9.75
CA CYS A 41 -1.28 3.39 9.47
C CYS A 41 -2.42 3.47 10.46
N TYR A 42 -2.45 2.58 11.45
CA TYR A 42 -3.55 2.57 12.42
C TYR A 42 -3.67 3.89 13.19
N LYS A 43 -4.90 4.35 13.33
CA LYS A 43 -5.24 5.45 14.24
C LYS A 43 -6.76 5.49 14.39
N SER A 44 -7.21 6.25 15.37
N SER A 44 -7.24 6.21 15.39
CA SER A 44 -8.63 6.55 15.54
CA SER A 44 -8.68 6.43 15.51
C SER A 44 -9.10 7.53 14.47
C SER A 44 -9.11 7.53 14.53
N GLY A 45 -10.41 7.60 14.27
CA GLY A 45 -11.00 8.64 13.41
C GLY A 45 -10.64 8.55 11.93
N ILE A 46 -10.61 7.33 11.41
CA ILE A 46 -10.30 7.14 9.99
C ILE A 46 -11.57 7.28 9.15
N GLN A 47 -11.49 8.17 8.16
CA GLN A 47 -12.50 8.24 7.11
C GLN A 47 -11.87 7.68 5.84
N VAL A 48 -12.53 6.69 5.25
CA VAL A 48 -12.06 6.14 3.97
C VAL A 48 -12.66 6.89 2.81
N ARG A 49 -11.80 7.31 1.89
CA ARG A 49 -12.23 8.11 0.74
C ARG A 49 -11.99 7.30 -0.53
N LEU A 50 -13.09 6.92 -1.15
CA LEU A 50 -13.11 6.06 -2.35
C LEU A 50 -13.42 6.90 -3.57
N GLY A 51 -12.99 6.43 -4.74
CA GLY A 51 -13.27 7.11 -6.00
C GLY A 51 -12.55 8.45 -6.17
N GLU A 52 -11.45 8.65 -5.43
CA GLU A 52 -10.70 9.91 -5.45
C GLU A 52 -9.75 10.01 -6.62
N ASP A 53 -9.62 11.22 -7.16
CA ASP A 53 -8.45 11.55 -7.98
C ASP A 53 -7.74 12.72 -7.33
N ASN A 54 -8.26 13.94 -7.55
CA ASN A 54 -7.76 15.07 -6.82
C ASN A 54 -8.30 15.01 -5.39
N ILE A 55 -7.41 14.75 -4.43
CA ILE A 55 -7.86 14.60 -3.04
C ILE A 55 -8.19 15.92 -2.34
N ASN A 56 -7.94 17.04 -3.03
CA ASN A 56 -8.19 18.37 -2.45
C ASN A 56 -9.40 19.07 -3.02
N VAL A 57 -10.04 18.43 -4.01
CA VAL A 57 -11.21 18.99 -4.69
C VAL A 57 -12.30 17.94 -4.78
N VAL A 58 -13.54 18.33 -4.48
CA VAL A 58 -14.69 17.46 -4.70
C VAL A 58 -15.03 17.51 -6.19
N GLU A 59 -14.74 16.43 -6.90
CA GLU A 59 -14.84 16.38 -8.37
C GLU A 59 -16.06 15.62 -8.87
N GLY A 60 -16.69 14.87 -7.98
CA GLY A 60 -17.65 13.87 -8.40
C GLY A 60 -17.03 12.51 -8.29
N ASN A 61 -17.86 11.52 -7.98
CA ASN A 61 -17.47 10.10 -7.88
C ASN A 61 -16.85 9.68 -6.55
N GLU A 62 -16.63 10.64 -5.65
CA GLU A 62 -16.14 10.35 -4.30
C GLU A 62 -17.20 9.67 -3.44
N GLN A 63 -16.77 8.74 -2.61
CA GLN A 63 -17.58 8.24 -1.49
C GLN A 63 -16.71 8.35 -0.26
N PHE A 64 -17.21 9.06 0.74
CA PHE A 64 -16.54 9.17 2.02
C PHE A 64 -17.29 8.28 2.99
N ILE A 65 -16.61 7.28 3.56
CA ILE A 65 -17.25 6.36 4.50
C ILE A 65 -16.36 6.17 5.72
N SER A 66 -16.93 6.35 6.91
CA SER A 66 -16.18 6.15 8.13
C SER A 66 -15.78 4.69 8.31
N ALA A 67 -14.59 4.47 8.88
CA ALA A 67 -14.19 3.16 9.35
C ALA A 67 -15.05 2.80 10.56
N SER A 68 -15.59 1.58 10.58
CA SER A 68 -16.30 1.05 11.76
C SER A 68 -15.43 0.04 12.54
N LYS A 69 -14.44 -0.56 11.88
N LYS A 69 -14.61 -0.71 11.81
CA LYS A 69 -13.44 -1.39 12.55
CA LYS A 69 -13.66 -1.63 12.38
C LYS A 69 -12.05 -1.16 11.95
C LYS A 69 -12.31 -1.33 11.77
N SER A 70 -11.02 -1.06 12.79
N SER A 70 -11.27 -1.44 12.57
CA SER A 70 -9.66 -1.03 12.29
CA SER A 70 -9.90 -1.15 12.14
C SER A 70 -8.93 -2.15 12.97
C SER A 70 -8.93 -2.08 12.86
N ILE A 71 -8.61 -3.18 12.19
CA ILE A 71 -8.03 -4.40 12.77
C ILE A 71 -6.57 -4.59 12.33
N VAL A 72 -5.66 -4.21 13.22
CA VAL A 72 -4.22 -4.44 13.04
C VAL A 72 -3.92 -5.91 13.25
N HIS A 73 -3.03 -6.48 12.45
CA HIS A 73 -2.63 -7.86 12.67
C HIS A 73 -2.17 -8.04 14.11
N PRO A 74 -2.72 -9.07 14.82
CA PRO A 74 -2.32 -9.23 16.24
C PRO A 74 -0.81 -9.41 16.46
N SER A 75 -0.10 -9.89 15.44
CA SER A 75 1.35 -10.10 15.58
C SER A 75 2.19 -9.00 14.92
N TYR A 76 1.56 -7.88 14.59
CA TYR A 76 2.31 -6.74 14.10
C TYR A 76 3.34 -6.30 15.14
N ASN A 77 4.59 -6.21 14.71
N ASN A 77 4.58 -6.18 14.71
CA ASN A 77 5.68 -5.72 15.54
CA ASN A 77 5.66 -5.73 15.57
C ASN A 77 6.11 -4.36 15.01
C ASN A 77 6.19 -4.38 15.07
N SER A 78 5.90 -3.32 15.82
CA SER A 78 6.24 -1.96 15.40
C SER A 78 7.76 -1.68 15.33
N ASN A 79 8.56 -2.56 15.94
N ASN A 79 8.54 -2.55 15.96
CA ASN A 79 10.02 -2.41 15.95
CA ASN A 79 9.99 -2.42 15.95
C ASN A 79 10.76 -3.14 14.83
C ASN A 79 10.58 -2.92 14.62
N THR A 80 10.09 -4.08 14.16
CA THR A 80 10.66 -4.76 12.97
C THR A 80 9.79 -4.55 11.73
N LEU A 81 8.56 -4.07 11.95
CA LEU A 81 7.54 -3.93 10.90
C LEU A 81 7.07 -5.25 10.30
N ASN A 82 7.36 -6.37 10.97
CA ASN A 82 6.81 -7.65 10.56
C ASN A 82 5.29 -7.66 10.75
N ASN A 83 4.59 -8.30 9.83
CA ASN A 83 3.13 -8.34 9.84
C ASN A 83 2.48 -6.96 9.73
N ASP A 84 3.01 -6.14 8.83
CA ASP A 84 2.53 -4.78 8.64
C ASP A 84 1.28 -4.76 7.75
N ILE A 85 0.17 -5.20 8.32
CA ILE A 85 -1.11 -5.30 7.63
C ILE A 85 -2.24 -4.96 8.59
N MET A 86 -3.24 -4.27 8.06
CA MET A 86 -4.45 -3.89 8.80
C MET A 86 -5.65 -4.03 7.88
N LEU A 87 -6.76 -4.47 8.46
CA LEU A 87 -8.05 -4.50 7.78
C LEU A 87 -8.95 -3.42 8.34
N ILE A 88 -9.58 -2.65 7.45
CA ILE A 88 -10.57 -1.66 7.84
C ILE A 88 -11.95 -2.07 7.32
N LYS A 89 -12.93 -2.18 8.22
CA LYS A 89 -14.33 -2.36 7.84
C LYS A 89 -14.99 -1.00 7.70
N LEU A 90 -15.72 -0.83 6.61
CA LEU A 90 -16.48 0.39 6.37
C LEU A 90 -17.81 0.35 7.11
N LYS A 91 -18.25 1.51 7.59
N LYS A 91 -18.18 1.47 7.72
CA LYS A 91 -19.56 1.66 8.26
CA LYS A 91 -19.38 1.56 8.55
C LYS A 91 -20.72 1.18 7.37
C LYS A 91 -20.64 1.19 7.76
N SER A 92 -20.74 1.63 6.12
N SER A 92 -20.49 1.23 6.42
CA SER A 92 -21.73 1.15 5.15
CA SER A 92 -21.51 0.80 5.45
C SER A 92 -20.95 0.68 3.95
C SER A 92 -20.80 0.40 4.15
N ALA A 93 -21.49 -0.32 3.26
CA ALA A 93 -20.89 -0.79 2.02
C ALA A 93 -20.74 0.33 1.02
N ALA A 94 -19.58 0.36 0.36
CA ALA A 94 -19.37 1.23 -0.78
C ALA A 94 -20.26 0.80 -1.93
N SER A 95 -20.67 1.77 -2.74
N SER A 95 -20.64 1.77 -2.76
CA SER A 95 -21.37 1.49 -3.99
CA SER A 95 -21.36 1.51 -3.99
C SER A 95 -20.33 1.21 -5.06
C SER A 95 -20.36 1.23 -5.10
N LEU A 96 -20.30 -0.03 -5.55
CA LEU A 96 -19.31 -0.43 -6.55
C LEU A 96 -19.77 -0.10 -7.96
N ASN A 97 -18.85 0.47 -8.72
CA ASN A 97 -19.08 0.94 -10.10
C ASN A 97 -17.74 0.94 -10.82
N SER A 98 -17.68 1.49 -12.04
CA SER A 98 -16.42 1.45 -12.79
C SER A 98 -15.29 2.21 -12.10
N ARG A 99 -15.66 3.23 -11.32
N ARG A 99 -15.66 3.23 -11.32
CA ARG A 99 -14.68 4.10 -10.67
CA ARG A 99 -14.69 4.12 -10.69
C ARG A 99 -14.35 3.68 -9.25
C ARG A 99 -14.39 3.74 -9.23
N VAL A 100 -15.18 2.82 -8.67
CA VAL A 100 -14.94 2.30 -7.31
C VAL A 100 -15.12 0.79 -7.40
N ALA A 101 -14.01 0.05 -7.32
CA ALA A 101 -14.01 -1.37 -7.59
C ALA A 101 -13.02 -2.08 -6.70
N SER A 102 -13.31 -3.33 -6.35
N SER A 102 -13.30 -3.35 -6.39
CA SER A 102 -12.40 -4.10 -5.52
CA SER A 102 -12.41 -4.13 -5.55
C SER A 102 -11.25 -4.68 -6.36
C SER A 102 -11.26 -4.72 -6.37
N ILE A 103 -10.17 -5.03 -5.68
CA ILE A 103 -9.02 -5.71 -6.28
C ILE A 103 -8.94 -7.13 -5.69
N SER A 104 -8.64 -8.10 -6.53
N SER A 104 -8.67 -8.12 -6.53
CA SER A 104 -8.52 -9.50 -6.12
CA SER A 104 -8.61 -9.50 -6.07
C SER A 104 -7.33 -9.74 -5.21
C SER A 104 -7.36 -9.78 -5.26
N LEU A 105 -7.51 -10.63 -4.24
CA LEU A 105 -6.39 -11.11 -3.44
C LEU A 105 -5.67 -12.20 -4.23
N PRO A 106 -4.37 -12.42 -3.97
CA PRO A 106 -3.60 -13.46 -4.66
C PRO A 106 -4.10 -14.86 -4.34
N THR A 107 -3.91 -15.77 -5.30
CA THR A 107 -4.12 -17.19 -5.06
C THR A 107 -2.76 -17.88 -4.83
N SER A 108 -1.69 -17.22 -5.29
CA SER A 108 -0.32 -17.63 -4.98
C SER A 108 0.59 -16.41 -4.95
N CYS A 109 1.79 -16.58 -4.41
CA CYS A 109 2.76 -15.49 -4.35
C CYS A 109 3.34 -15.19 -5.72
N ALA A 110 3.81 -13.97 -5.90
CA ALA A 110 4.39 -13.52 -7.16
C ALA A 110 5.89 -13.83 -7.17
N SER A 111 6.47 -13.87 -8.37
N SER A 111 6.48 -13.88 -8.37
CA SER A 111 7.89 -14.20 -8.53
CA SER A 111 7.90 -14.20 -8.51
C SER A 111 8.71 -12.95 -8.84
C SER A 111 8.71 -12.96 -8.83
N ALA A 112 10.01 -13.02 -8.55
CA ALA A 112 10.95 -11.95 -8.93
C ALA A 112 10.80 -11.61 -10.40
N GLY A 113 10.88 -10.32 -10.72
CA GLY A 113 10.72 -9.85 -12.08
C GLY A 113 9.31 -9.57 -12.59
N THR A 114 8.31 -9.95 -11.79
N THR A 114 8.27 -9.96 -11.85
CA THR A 114 6.92 -9.61 -12.06
CA THR A 114 6.93 -9.62 -12.31
C THR A 114 6.77 -8.09 -12.00
C THR A 114 6.66 -8.14 -12.13
N GLN A 115 6.14 -7.51 -13.02
N GLN A 115 6.09 -7.53 -13.14
CA GLN A 115 5.91 -6.06 -13.07
CA GLN A 115 5.79 -6.11 -13.12
C GLN A 115 4.58 -5.71 -12.39
C GLN A 115 4.61 -5.86 -12.21
N CYS A 116 4.64 -4.74 -11.49
CA CYS A 116 3.50 -4.37 -10.64
C CYS A 116 3.19 -2.88 -10.78
N LEU A 117 1.99 -2.50 -10.40
CA LEU A 117 1.56 -1.11 -10.37
C LEU A 117 1.46 -0.68 -8.91
N ILE A 118 2.23 0.36 -8.56
CA ILE A 118 2.25 0.95 -7.22
C ILE A 118 1.67 2.34 -7.38
N SER A 119 0.78 2.74 -6.47
N SER A 119 0.77 2.74 -6.48
CA SER A 119 0.06 4.00 -6.63
CA SER A 119 0.09 4.02 -6.63
C SER A 119 -0.16 4.70 -5.30
C SER A 119 -0.13 4.71 -5.30
N GLY A 120 -0.33 6.02 -5.34
CA GLY A 120 -0.58 6.79 -4.12
C GLY A 120 -0.47 8.28 -4.28
N TRP A 121 -0.78 8.97 -3.18
CA TRP A 121 -0.71 10.43 -3.09
C TRP A 121 0.45 10.89 -2.27
N GLY A 122 1.47 10.04 -2.16
CA GLY A 122 2.65 10.38 -1.38
C GLY A 122 3.58 11.38 -2.02
N ASN A 123 4.60 11.75 -1.27
CA ASN A 123 5.67 12.64 -1.70
C ASN A 123 6.21 12.22 -3.08
N THR A 124 6.41 13.20 -3.95
CA THR A 124 6.95 12.98 -5.30
C THR A 124 8.45 13.35 -5.41
N LYS A 125 9.05 13.75 -4.29
CA LYS A 125 10.49 14.06 -4.28
C LYS A 125 11.31 13.11 -3.42
N SER A 126 12.50 12.77 -3.91
CA SER A 126 13.46 11.94 -3.17
C SER A 126 14.26 12.78 -2.16
N SER A 127 14.32 14.08 -2.43
N SER A 127 14.31 14.09 -2.41
CA SER A 127 14.91 15.04 -1.50
CA SER A 127 14.94 15.04 -1.49
C SER A 127 13.92 16.16 -1.28
C SER A 127 14.00 16.22 -1.27
N GLY A 128 13.54 16.38 -0.03
CA GLY A 128 12.55 17.40 0.30
C GLY A 128 11.16 16.85 0.09
N THR A 129 10.19 17.76 -0.06
CA THR A 129 8.78 17.38 -0.03
C THR A 129 7.92 18.10 -1.08
N SER A 130 7.15 17.32 -1.83
CA SER A 130 6.09 17.84 -2.67
C SER A 130 4.96 16.82 -2.69
N TYR A 131 3.77 17.23 -2.29
CA TYR A 131 2.59 16.36 -2.29
C TYR A 131 1.65 16.69 -3.44
N PRO A 132 1.25 15.66 -4.21
CA PRO A 132 0.43 15.87 -5.39
C PRO A 132 -1.06 16.03 -5.05
N ASP A 133 -1.80 16.69 -5.92
CA ASP A 133 -3.26 16.73 -5.81
C ASP A 133 -3.87 15.42 -6.32
N VAL A 134 -3.38 14.95 -7.47
CA VAL A 134 -3.92 13.78 -8.14
C VAL A 134 -3.10 12.51 -7.90
N LEU A 135 -3.73 11.38 -8.18
CA LEU A 135 -3.11 10.08 -7.92
C LEU A 135 -1.94 9.83 -8.86
N LYS A 136 -0.83 9.35 -8.29
CA LYS A 136 0.36 9.01 -9.07
C LYS A 136 0.54 7.49 -9.11
N CYS A 137 1.18 7.04 -10.19
CA CYS A 137 1.36 5.63 -10.51
C CYS A 137 2.82 5.36 -10.84
N LEU A 138 3.25 4.13 -10.56
CA LEU A 138 4.60 3.68 -10.91
C LEU A 138 4.57 2.20 -11.26
N LYS A 139 5.17 1.86 -12.39
CA LYS A 139 5.41 0.45 -12.73
C LYS A 139 6.76 0.03 -12.15
N ALA A 140 6.76 -1.07 -11.41
CA ALA A 140 7.95 -1.51 -10.69
C ALA A 140 7.98 -3.01 -10.62
N PRO A 141 9.17 -3.63 -10.82
CA PRO A 141 9.30 -5.06 -10.68
C PRO A 141 9.58 -5.54 -9.26
N ILE A 142 9.13 -6.74 -8.95
CA ILE A 142 9.50 -7.43 -7.72
C ILE A 142 10.96 -7.86 -7.83
N LEU A 143 11.76 -7.59 -6.79
CA LEU A 143 13.18 -7.97 -6.78
C LEU A 143 13.37 -9.37 -6.17
N SER A 144 14.52 -9.98 -6.44
N SER A 144 14.52 -9.98 -6.44
CA SER A 144 14.88 -11.23 -5.75
CA SER A 144 14.81 -11.33 -5.92
C SER A 144 15.03 -10.97 -4.26
C SER A 144 15.00 -11.37 -4.42
N ASP A 145 14.61 -11.96 -3.47
N ASP A 145 14.88 -12.55 -3.83
CA ASP A 145 14.71 -11.93 -2.01
CA ASP A 145 15.14 -12.73 -2.41
C ASP A 145 16.17 -11.72 -1.62
C ASP A 145 16.56 -12.25 -2.06
N SER A 146 17.07 -12.34 -2.38
N SER A 146 17.55 -12.69 -2.82
CA SER A 146 18.51 -12.20 -2.15
CA SER A 146 18.94 -12.33 -2.53
C SER A 146 18.94 -10.74 -2.31
C SER A 146 19.18 -10.81 -2.51
N SER A 147 18.57 -10.15 -3.44
N SER A 147 18.64 -10.11 -3.52
CA SER A 147 18.83 -8.73 -3.67
CA SER A 147 18.88 -8.67 -3.66
C SER A 147 18.24 -7.90 -2.55
C SER A 147 18.21 -7.83 -2.58
N CYS A 148 17.02 -8.27 -2.16
CA CYS A 148 16.28 -7.58 -1.11
C CYS A 148 17.03 -7.66 0.22
N LYS A 149 17.48 -8.87 0.57
CA LYS A 149 18.29 -9.09 1.77
C LYS A 149 19.67 -8.43 1.75
N SER A 150 20.28 -8.35 0.57
N SER A 150 20.27 -8.35 0.56
CA SER A 150 21.55 -7.62 0.43
CA SER A 150 21.54 -7.65 0.39
C SER A 150 21.36 -6.14 0.71
C SER A 150 21.39 -6.14 0.64
N ALA A 151 20.26 -5.57 0.22
CA ALA A 151 19.96 -4.16 0.43
C ALA A 151 19.66 -3.86 1.91
N TYR A 152 18.97 -4.79 2.57
CA TYR A 152 18.53 -4.60 3.97
C TYR A 152 18.85 -5.84 4.83
N PRO A 153 20.16 -6.09 5.09
CA PRO A 153 20.53 -7.32 5.80
C PRO A 153 19.89 -7.46 7.18
N GLY A 154 19.38 -8.67 7.48
CA GLY A 154 18.75 -8.98 8.76
C GLY A 154 17.40 -8.32 9.03
N GLN A 155 16.88 -7.56 8.07
CA GLN A 155 15.66 -6.77 8.26
C GLN A 155 14.45 -7.25 7.44
N ILE A 156 14.70 -8.12 6.48
CA ILE A 156 13.65 -8.63 5.60
C ILE A 156 13.14 -9.97 6.12
N THR A 157 11.91 -9.98 6.60
CA THR A 157 11.25 -11.21 7.06
C THR A 157 10.58 -11.90 5.88
N SER A 158 10.08 -13.12 6.11
CA SER A 158 9.33 -13.88 5.12
C SER A 158 8.04 -13.16 4.70
N ASN A 159 7.66 -12.12 5.45
CA ASN A 159 6.43 -11.38 5.17
C ASN A 159 6.67 -10.04 4.50
N MET A 160 7.84 -9.91 3.90
CA MET A 160 8.23 -8.71 3.18
C MET A 160 8.85 -9.06 1.83
N PHE A 161 8.74 -8.14 0.89
CA PHE A 161 9.49 -8.24 -0.37
C PHE A 161 9.91 -6.85 -0.82
N CYS A 162 10.93 -6.79 -1.67
N CYS A 162 10.92 -6.81 -1.68
CA CYS A 162 11.37 -5.55 -2.27
CA CYS A 162 11.38 -5.56 -2.27
C CYS A 162 10.81 -5.43 -3.67
C CYS A 162 10.82 -5.43 -3.69
N ALA A 163 10.54 -4.20 -4.09
CA ALA A 163 10.15 -3.89 -5.46
C ALA A 163 10.69 -2.53 -5.83
N GLY A 164 10.99 -2.36 -7.11
CA GLY A 164 11.48 -1.09 -7.59
C GLY A 164 12.80 -1.17 -8.32
N TYR A 165 13.64 -0.20 -8.05
N TYR A 165 13.63 -0.15 -8.11
CA TYR A 165 14.84 -0.01 -8.82
CA TYR A 165 14.78 0.16 -8.98
C TYR A 165 16.01 0.09 -7.87
C TYR A 165 16.07 0.55 -8.25
N LEU A 166 17.20 -0.22 -8.37
N LEU A 166 17.08 -0.31 -8.32
CA LEU A 166 18.40 -0.07 -7.57
CA LEU A 166 18.33 -0.09 -7.58
C LEU A 166 19.19 1.12 -8.06
C LEU A 166 19.14 1.11 -8.05
N GLU A 167 18.87 1.60 -9.27
CA GLU A 167 19.58 2.74 -9.86
C GLU A 167 19.11 4.09 -9.30
N GLY A 168 18.04 4.08 -8.51
CA GLY A 168 17.51 5.32 -7.92
C GLY A 168 16.47 5.97 -8.83
N GLY A 169 15.69 6.89 -8.27
CA GLY A 169 14.79 7.71 -9.06
C GLY A 169 13.32 7.32 -9.13
N LYS A 170 12.99 6.08 -8.76
CA LYS A 170 11.62 5.57 -8.88
C LYS A 170 11.25 4.75 -7.64
N ASP A 171 10.22 5.18 -6.91
CA ASP A 171 9.89 4.52 -5.64
C ASP A 171 8.56 5.03 -5.09
N SER A 172 8.02 4.30 -4.14
CA SER A 172 6.97 4.85 -3.29
C SER A 172 7.63 5.70 -2.19
N CYS A 173 6.87 6.57 -1.54
CA CYS A 173 7.43 7.50 -0.57
C CYS A 173 6.40 7.89 0.48
N GLN A 174 6.74 8.83 1.36
N GLN A 174 6.74 8.81 1.38
CA GLN A 174 5.88 9.19 2.48
CA GLN A 174 5.87 9.16 2.50
C GLN A 174 4.50 9.65 2.04
C GLN A 174 4.50 9.64 2.04
N GLY A 175 3.45 9.02 2.60
CA GLY A 175 2.08 9.26 2.15
C GLY A 175 1.52 8.14 1.28
N ASP A 176 2.41 7.30 0.75
CA ASP A 176 1.99 6.12 -0.01
C ASP A 176 1.73 4.88 0.83
N SER A 177 2.22 4.87 2.08
N SER A 177 2.25 4.84 2.06
CA SER A 177 2.04 3.73 3.00
CA SER A 177 2.15 3.60 2.84
C SER A 177 0.62 3.20 3.02
C SER A 177 0.69 3.19 3.04
N GLY A 178 0.49 1.87 3.08
CA GLY A 178 -0.83 1.28 3.13
C GLY A 178 -1.46 1.01 1.77
N GLY A 179 -0.92 1.66 0.73
CA GLY A 179 -1.48 1.55 -0.61
C GLY A 179 -1.04 0.29 -1.32
N PRO A 180 -1.56 0.10 -2.53
CA PRO A 180 -1.45 -1.14 -3.31
C PRO A 180 -0.16 -1.34 -4.10
N VAL A 181 0.27 -2.59 -4.15
CA VAL A 181 1.18 -3.10 -5.16
C VAL A 181 0.40 -4.21 -5.85
N VAL A 182 -0.04 -3.95 -7.09
CA VAL A 182 -0.88 -4.88 -7.84
C VAL A 182 -0.10 -5.46 -9.01
N CYS A 183 -0.11 -6.79 -9.09
CA CYS A 183 0.66 -7.51 -10.11
C CYS A 183 -0.26 -8.54 -10.74
N SER A 184 -0.39 -8.46 -12.07
CA SER A 184 -1.26 -9.39 -12.82
C SER A 184 -2.68 -9.43 -12.21
N GLY A 185 -3.20 -8.26 -11.84
CA GLY A 185 -4.54 -8.10 -11.30
C GLY A 185 -4.77 -8.59 -9.88
N LYS A 186 -3.69 -8.84 -9.14
CA LYS A 186 -3.77 -9.32 -7.75
C LYS A 186 -3.03 -8.37 -6.83
N LEU A 187 -3.61 -8.15 -5.65
CA LEU A 187 -2.96 -7.33 -4.63
C LEU A 187 -1.86 -8.14 -3.93
N GLN A 188 -0.62 -7.97 -4.39
CA GLN A 188 0.50 -8.72 -3.84
C GLN A 188 1.24 -7.96 -2.73
N GLY A 189 1.15 -6.64 -2.69
CA GLY A 189 1.92 -5.89 -1.71
C GLY A 189 1.18 -4.72 -1.11
N ILE A 190 1.65 -4.30 0.07
CA ILE A 190 1.22 -3.09 0.75
C ILE A 190 2.47 -2.22 0.94
N VAL A 191 2.38 -0.97 0.51
CA VAL A 191 3.49 -0.02 0.74
C VAL A 191 3.82 0.05 2.24
N SER A 192 5.05 -0.30 2.61
CA SER A 192 5.43 -0.39 4.03
C SER A 192 6.58 0.55 4.42
N TRP A 193 7.81 0.27 3.96
CA TRP A 193 8.97 1.04 4.39
C TRP A 193 10.11 1.01 3.41
N GLY A 194 11.16 1.74 3.74
CA GLY A 194 12.41 1.68 2.98
C GLY A 194 13.40 2.64 3.60
N SER A 195 14.63 2.65 3.07
N SER A 195 14.62 2.65 3.06
CA SER A 195 15.61 3.64 3.48
CA SER A 195 15.62 3.64 3.47
C SER A 195 15.46 4.84 2.56
C SER A 195 15.52 4.87 2.58
N GLY A 196 14.85 5.90 3.07
CA GLY A 196 14.52 7.07 2.26
C GLY A 196 13.56 6.70 1.13
N CYS A 197 13.61 7.47 0.04
CA CYS A 197 12.81 7.19 -1.15
C CYS A 197 13.64 7.34 -2.41
N ALA A 198 13.56 6.35 -3.30
CA ALA A 198 14.18 6.42 -4.61
C ALA A 198 15.70 6.61 -4.54
N GLN A 199 16.30 6.13 -3.44
CA GLN A 199 17.75 6.20 -3.27
C GLN A 199 18.43 5.02 -3.93
N LYS A 200 19.62 5.25 -4.49
CA LYS A 200 20.39 4.16 -5.10
C LYS A 200 20.56 3.01 -4.11
N ASN A 201 20.36 1.78 -4.60
CA ASN A 201 20.61 0.57 -3.82
C ASN A 201 19.67 0.35 -2.61
N LYS A 202 18.65 1.18 -2.51
N LYS A 202 18.64 1.17 -2.52
CA LYS A 202 17.66 1.07 -1.43
CA LYS A 202 17.66 1.09 -1.44
C LYS A 202 16.25 1.01 -2.02
C LYS A 202 16.25 1.02 -2.03
N PRO A 203 15.81 -0.18 -2.44
CA PRO A 203 14.46 -0.34 -3.02
C PRO A 203 13.36 -0.26 -1.96
N GLY A 204 12.12 -0.07 -2.40
CA GLY A 204 11.00 -0.08 -1.45
C GLY A 204 10.75 -1.47 -0.90
N VAL A 205 10.30 -1.53 0.36
CA VAL A 205 9.90 -2.78 1.00
C VAL A 205 8.38 -2.76 1.22
N TYR A 206 7.79 -3.94 0.99
CA TYR A 206 6.35 -4.12 0.89
C TYR A 206 5.89 -5.33 1.69
N THR A 207 4.72 -5.23 2.31
CA THR A 207 4.15 -6.37 3.01
C THR A 207 3.72 -7.40 1.97
N LYS A 208 4.10 -8.66 2.23
CA LYS A 208 3.84 -9.74 1.29
C LYS A 208 2.42 -10.30 1.50
N VAL A 209 1.47 -9.77 0.75
CA VAL A 209 0.04 -10.04 0.98
C VAL A 209 -0.34 -11.52 0.80
N CYS A 210 0.35 -12.23 -0.08
CA CYS A 210 0.00 -13.64 -0.32
C CYS A 210 0.07 -14.50 0.94
N ASN A 211 0.91 -14.08 1.90
CA ASN A 211 1.04 -14.80 3.18
C ASN A 211 -0.15 -14.61 4.11
N TYR A 212 -1.02 -13.65 3.78
CA TYR A 212 -2.10 -13.26 4.67
C TYR A 212 -3.49 -13.53 4.14
N VAL A 213 -3.59 -14.18 2.98
CA VAL A 213 -4.90 -14.37 2.35
C VAL A 213 -5.86 -15.15 3.27
N SER A 214 -5.36 -16.21 3.92
CA SER A 214 -6.17 -16.98 4.88
C SER A 214 -6.60 -16.15 6.09
N TRP A 215 -5.66 -15.39 6.65
CA TRP A 215 -5.94 -14.50 7.78
C TRP A 215 -6.97 -13.46 7.43
N ILE A 216 -6.83 -12.86 6.24
CA ILE A 216 -7.80 -11.89 5.75
C ILE A 216 -9.21 -12.51 5.64
N LYS A 217 -9.27 -13.70 5.05
N LYS A 217 -9.36 -13.61 4.92
CA LYS A 217 -10.51 -14.45 4.94
CA LYS A 217 -10.71 -14.13 4.64
C LYS A 217 -11.11 -14.80 6.30
C LYS A 217 -11.42 -14.50 5.94
N GLN A 218 -10.30 -15.35 7.21
N GLN A 218 -10.69 -15.11 6.86
CA GLN A 218 -10.80 -15.72 8.53
CA GLN A 218 -11.25 -15.50 8.15
C GLN A 218 -11.28 -14.49 9.32
C GLN A 218 -11.55 -14.32 9.05
N THR A 219 -10.62 -13.36 9.12
CA THR A 219 -10.91 -12.13 9.87
C THR A 219 -12.19 -11.45 9.35
N ILE A 220 -12.33 -11.37 8.02
CA ILE A 220 -13.55 -10.83 7.45
C ILE A 220 -14.77 -11.67 7.82
N ALA A 221 -14.63 -12.99 7.68
CA ALA A 221 -15.74 -13.91 7.95
C ALA A 221 -16.26 -13.83 9.38
N SER A 222 -15.37 -13.52 10.33
CA SER A 222 -15.74 -13.43 11.74
C SER A 222 -16.14 -12.03 12.20
N ASN A 223 -16.13 -11.06 11.28
CA ASN A 223 -16.44 -9.67 11.61
C ASN A 223 -17.52 -9.05 10.73
N ARG B 2 16.02 4.19 8.01
CA ARG B 2 14.86 3.47 7.47
C ARG B 2 13.57 3.96 8.16
N CYS B 3 12.62 4.40 7.34
CA CYS B 3 11.34 4.92 7.84
C CYS B 3 10.18 4.22 7.13
N THR B 4 9.04 4.14 7.82
CA THR B 4 7.78 3.79 7.17
C THR B 4 7.42 4.93 6.22
N LYS B 5 6.54 4.65 5.25
CA LYS B 5 6.17 5.67 4.27
C LYS B 5 4.82 6.33 4.55
N SER B 6 4.60 6.63 5.84
CA SER B 6 3.37 7.28 6.31
C SER B 6 3.52 8.79 6.45
N PRO B 8 6.27 9.98 8.94
CA PRO B 8 7.13 8.79 8.95
C PRO B 8 7.53 8.29 10.33
N ILE B 9 7.58 6.96 10.47
CA ILE B 9 8.08 6.32 11.68
C ILE B 9 9.44 5.72 11.36
N CYS B 10 10.48 6.33 11.96
CA CYS B 10 11.86 6.04 11.59
C CYS B 10 12.62 5.28 12.67
N PHE B 11 13.69 4.60 12.25
CA PHE B 11 14.47 3.72 13.11
C PHE B 11 15.98 3.98 12.98
#